data_1B46
#
_entry.id   1B46
#
_cell.length_a   110.019
_cell.length_b   75.478
_cell.length_c   70.242
_cell.angle_alpha   90.00
_cell.angle_beta   90.00
_cell.angle_gamma   90.00
#
_symmetry.space_group_name_H-M   'P 21 21 21'
#
loop_
_entity.id
_entity.type
_entity.pdbx_description
1 polymer 'PROTEIN (OLIGO-PEPTIDE BINDING PROTEIN)'
2 polymer 'PROTEIN (LYS-PRO-LYS)'
3 non-polymer 'URANYL (VI) ION'
4 non-polymer 'ACETATE ION'
5 water water
#
loop_
_entity_poly.entity_id
_entity_poly.type
_entity_poly.pdbx_seq_one_letter_code
_entity_poly.pdbx_strand_id
1 'polypeptide(L)'
;ADVPAGVQLADKQTLVRNNGSEVQSLDPHKIEGVPESNVSRDLFEGLLISDVEGHPSPGVAEKWENKDFKVWTFHLRENA
KWSDGTPVTAHDFVYSWQRLADPNTASPYASYLQYGHIANIDDIIAGKKPATDLGVKALDDHTFEVTLSEPVPYFYKLLV
HPSVSPVPKSAVEKFGDKWTQPANIVTNGAYKLKNWVVNERIVLERNPQYWDNAKTVINQVTYLPISSEVTDVNRYRSGE
IDMTYNNMPIELFQKLKKEIPNEVRVDPYLCTYYYEINNQKAPFNDVRVRTALKLALDRDIIVNKVKNQGDLPAYSYTPP
YTDGAKLVEPEWFKWSQQKRNEEAKKLLAEAGFTADKPLTFDLLYNTSDLHKKLAIAVASIWKKNLGVNVNLENQEWKTF
LDTRHQGTFDVARAGWCADYNEPTSFLNTMLSDSSNNTAHYKSPAFDKLIADTLKVADDTQRSELYAKAEQQLDKDSAIV
PVYYYVNARLVKPWVGGYTGKDPLDNIYVKNLYIIKH
;
A
2 'polypeptide(L)' KPK B
#
# COMPACT_ATOMS: atom_id res chain seq x y z
N ALA A 1 -8.72 -0.75 22.27
CA ALA A 1 -9.24 0.63 22.22
C ALA A 1 -9.10 1.30 23.59
N ASP A 2 -8.97 2.61 23.56
CA ASP A 2 -8.86 3.42 24.79
C ASP A 2 -10.10 4.29 24.79
N VAL A 3 -11.17 3.86 25.45
CA VAL A 3 -12.42 4.60 25.43
C VAL A 3 -12.32 5.77 26.43
N PRO A 4 -12.53 6.99 25.96
CA PRO A 4 -12.46 8.18 26.79
C PRO A 4 -13.47 8.20 27.93
N ALA A 5 -13.10 8.87 29.02
CA ALA A 5 -13.97 8.93 30.20
C ALA A 5 -15.32 9.50 29.82
N GLY A 6 -16.40 8.88 30.31
CA GLY A 6 -17.71 9.40 30.02
C GLY A 6 -18.42 9.00 28.75
N VAL A 7 -17.76 8.43 27.74
CA VAL A 7 -18.54 8.08 26.54
C VAL A 7 -19.36 6.84 26.90
N GLN A 8 -20.60 6.81 26.46
CA GLN A 8 -21.45 5.66 26.71
C GLN A 8 -21.23 4.74 25.48
N LEU A 9 -20.98 3.47 25.72
CA LEU A 9 -20.80 2.55 24.60
C LEU A 9 -22.14 1.97 24.18
N ALA A 10 -22.29 1.73 22.89
CA ALA A 10 -23.47 1.09 22.35
C ALA A 10 -23.50 -0.32 22.94
N ASP A 11 -24.71 -0.88 23.03
CA ASP A 11 -24.90 -2.23 23.53
C ASP A 11 -24.33 -3.26 22.55
N LYS A 12 -24.52 -3.02 21.26
CA LYS A 12 -24.02 -3.93 20.24
C LYS A 12 -22.72 -3.35 19.69
N GLN A 13 -21.63 -4.11 19.80
CA GLN A 13 -20.36 -3.54 19.35
C GLN A 13 -19.99 -4.20 18.02
N THR A 14 -20.68 -3.77 16.96
CA THR A 14 -20.38 -4.38 15.65
C THR A 14 -20.10 -3.25 14.66
N LEU A 15 -19.33 -3.58 13.64
CA LEU A 15 -18.88 -2.58 12.67
C LEU A 15 -18.95 -3.16 11.27
N VAL A 16 -19.30 -2.27 10.34
CA VAL A 16 -19.30 -2.66 8.90
C VAL A 16 -18.40 -1.65 8.19
N ARG A 17 -17.34 -2.22 7.55
CA ARG A 17 -16.45 -1.32 6.79
C ARG A 17 -16.46 -1.70 5.32
N ASN A 18 -16.48 -0.70 4.41
CA ASN A 18 -16.28 -1.12 3.01
C ASN A 18 -14.75 -1.20 2.82
N ASN A 19 -14.31 -2.14 1.97
CA ASN A 19 -12.88 -2.42 1.80
C ASN A 19 -12.43 -2.33 0.35
N GLY A 20 -13.25 -1.67 -0.47
CA GLY A 20 -12.86 -1.34 -1.83
C GLY A 20 -12.88 -2.42 -2.86
N SER A 21 -12.68 -3.69 -2.59
CA SER A 21 -12.69 -4.77 -3.53
C SER A 21 -12.52 -6.11 -2.80
N GLU A 22 -12.67 -7.18 -3.58
CA GLU A 22 -12.45 -8.51 -3.00
C GLU A 22 -10.95 -8.67 -2.79
N VAL A 23 -10.55 -9.18 -1.62
CA VAL A 23 -9.11 -9.36 -1.39
C VAL A 23 -8.46 -10.37 -2.33
N GLN A 24 -7.15 -10.20 -2.52
CA GLN A 24 -6.38 -11.14 -3.32
C GLN A 24 -6.32 -12.47 -2.57
N SER A 25 -6.20 -12.34 -1.22
CA SER A 25 -5.96 -13.53 -0.39
C SER A 25 -5.99 -13.08 1.07
N LEU A 26 -5.94 -14.05 2.00
CA LEU A 26 -5.82 -13.70 3.42
C LEU A 26 -4.45 -14.16 3.90
N ASP A 27 -3.68 -14.75 3.00
CA ASP A 27 -2.32 -15.22 3.38
C ASP A 27 -1.37 -14.04 3.34
N PRO A 28 -0.75 -13.67 4.47
CA PRO A 28 0.15 -12.53 4.49
C PRO A 28 1.27 -12.55 3.46
N HIS A 29 1.72 -13.72 3.00
CA HIS A 29 2.81 -13.81 2.03
C HIS A 29 2.32 -13.72 0.60
N LYS A 30 1.00 -13.67 0.43
CA LYS A 30 0.51 -13.62 -0.98
C LYS A 30 -0.14 -12.29 -1.30
N ILE A 31 -0.27 -11.38 -0.35
CA ILE A 31 -0.96 -10.11 -0.57
C ILE A 31 -0.04 -8.92 -0.80
N GLU A 32 -0.61 -7.87 -1.39
CA GLU A 32 0.14 -6.63 -1.52
C GLU A 32 -0.73 -5.40 -1.30
N GLY A 33 -2.04 -5.47 -1.60
CA GLY A 33 -2.84 -4.25 -1.60
C GLY A 33 -3.35 -3.64 -0.32
N VAL A 34 -3.96 -2.44 -0.46
CA VAL A 34 -4.57 -1.76 0.69
C VAL A 34 -5.72 -2.60 1.21
N PRO A 35 -6.60 -3.10 0.35
CA PRO A 35 -7.75 -3.88 0.83
C PRO A 35 -7.25 -5.09 1.59
N GLU A 36 -6.25 -5.75 1.01
CA GLU A 36 -5.71 -6.98 1.65
C GLU A 36 -5.17 -6.68 3.05
N SER A 37 -4.39 -5.59 3.11
CA SER A 37 -3.70 -5.18 4.35
C SER A 37 -4.68 -4.73 5.40
N ASN A 38 -5.81 -4.12 5.00
CA ASN A 38 -6.85 -3.73 5.94
C ASN A 38 -7.40 -4.91 6.75
N VAL A 39 -7.63 -6.02 6.07
CA VAL A 39 -8.11 -7.23 6.75
C VAL A 39 -6.94 -7.88 7.47
N SER A 40 -5.77 -7.88 6.85
CA SER A 40 -4.59 -8.53 7.50
C SER A 40 -4.26 -7.92 8.86
N ARG A 41 -4.37 -6.61 9.06
CA ARG A 41 -4.01 -6.03 10.40
C ARG A 41 -4.95 -6.52 11.49
N ASP A 42 -6.18 -6.90 11.21
CA ASP A 42 -7.04 -7.47 12.24
C ASP A 42 -6.74 -8.93 12.54
N LEU A 43 -6.22 -9.71 11.58
CA LEU A 43 -5.98 -11.12 11.83
C LEU A 43 -4.58 -11.52 12.25
N PHE A 44 -3.56 -10.87 11.69
CA PHE A 44 -2.18 -11.30 11.92
C PHE A 44 -1.36 -10.14 12.50
N GLU A 45 -0.65 -10.42 13.58
CA GLU A 45 0.14 -9.36 14.22
C GLU A 45 1.62 -9.66 14.18
N GLY A 46 2.36 -8.70 13.64
CA GLY A 46 3.82 -8.82 13.58
C GLY A 46 4.51 -8.39 14.87
N LEU A 47 5.82 -8.18 14.77
CA LEU A 47 6.65 -7.75 15.90
C LEU A 47 6.18 -6.40 16.47
N LEU A 48 5.94 -5.45 15.58
CA LEU A 48 5.44 -4.14 16.00
C LEU A 48 4.08 -3.91 15.26
N ILE A 49 3.34 -2.93 15.74
CA ILE A 49 2.08 -2.52 15.12
C ILE A 49 2.05 -0.99 15.17
N SER A 50 1.18 -0.37 14.38
CA SER A 50 1.06 1.10 14.54
C SER A 50 0.10 1.37 15.70
N ASP A 51 0.32 2.45 16.47
CA ASP A 51 -0.70 2.83 17.46
C ASP A 51 -1.78 3.62 16.73
N VAL A 52 -2.72 4.24 17.46
CA VAL A 52 -3.80 4.97 16.82
C VAL A 52 -3.38 6.21 16.05
N GLU A 53 -2.18 6.72 16.26
CA GLU A 53 -1.67 7.87 15.53
C GLU A 53 -0.67 7.43 14.48
N GLY A 54 -0.42 6.12 14.33
CA GLY A 54 0.55 5.67 13.33
C GLY A 54 1.96 5.44 13.82
N HIS A 55 2.25 5.67 15.11
CA HIS A 55 3.60 5.44 15.62
C HIS A 55 3.91 3.94 15.74
N PRO A 56 5.05 3.49 15.28
CA PRO A 56 5.49 2.11 15.44
C PRO A 56 5.49 1.84 16.95
N SER A 57 4.87 0.75 17.36
CA SER A 57 4.64 0.42 18.75
C SER A 57 4.72 -1.08 18.94
N PRO A 58 4.74 -1.52 20.20
CA PRO A 58 4.82 -2.93 20.50
C PRO A 58 3.70 -3.75 19.91
N GLY A 59 4.07 -4.86 19.26
CA GLY A 59 3.06 -5.81 18.72
C GLY A 59 3.31 -7.12 19.49
N VAL A 60 3.78 -8.16 18.80
CA VAL A 60 4.17 -9.39 19.50
C VAL A 60 5.46 -9.10 20.29
N ALA A 61 6.36 -8.26 19.79
CA ALA A 61 7.52 -7.84 20.54
C ALA A 61 7.15 -6.71 21.54
N GLU A 62 7.44 -6.95 22.83
CA GLU A 62 7.16 -5.91 23.83
C GLU A 62 8.35 -4.96 23.92
N LYS A 63 9.57 -5.39 23.64
CA LYS A 63 10.75 -4.50 23.70
C LYS A 63 11.77 -5.04 22.72
N TRP A 64 12.65 -4.18 22.28
CA TRP A 64 13.67 -4.52 21.30
C TRP A 64 14.89 -3.63 21.43
N GLU A 65 16.06 -4.13 20.99
CA GLU A 65 17.26 -3.33 20.98
C GLU A 65 17.96 -3.47 19.64
N ASN A 66 18.96 -2.64 19.35
CA ASN A 66 19.73 -2.86 18.14
C ASN A 66 21.21 -2.64 18.51
N LYS A 67 22.08 -3.28 17.76
CA LYS A 67 23.52 -3.12 17.92
C LYS A 67 23.98 -2.59 16.57
N ASP A 68 24.39 -1.34 16.55
CA ASP A 68 24.85 -0.64 15.39
C ASP A 68 23.82 -0.57 14.25
N PHE A 69 22.53 -0.64 14.57
CA PHE A 69 21.46 -0.70 13.59
C PHE A 69 21.57 -1.91 12.66
N LYS A 70 22.31 -2.95 12.99
CA LYS A 70 22.53 -4.12 12.15
C LYS A 70 22.04 -5.40 12.77
N VAL A 71 22.08 -5.50 14.10
CA VAL A 71 21.57 -6.70 14.74
C VAL A 71 20.46 -6.20 15.68
N TRP A 72 19.23 -6.63 15.34
CA TRP A 72 18.04 -6.22 16.04
C TRP A 72 17.47 -7.38 16.83
N THR A 73 17.27 -7.16 18.12
CA THR A 73 16.79 -8.20 19.02
C THR A 73 15.44 -7.84 19.58
N PHE A 74 14.45 -8.70 19.24
CA PHE A 74 13.08 -8.51 19.67
C PHE A 74 12.72 -9.45 20.81
N HIS A 75 12.22 -8.93 21.89
CA HIS A 75 11.74 -9.71 23.03
C HIS A 75 10.25 -9.92 22.95
N LEU A 76 9.80 -11.12 22.59
CA LEU A 76 8.36 -11.34 22.44
C LEU A 76 7.67 -11.55 23.77
N ARG A 77 6.49 -10.95 23.93
CA ARG A 77 5.73 -11.03 25.17
C ARG A 77 5.35 -12.48 25.43
N GLU A 78 5.48 -12.93 26.68
CA GLU A 78 5.25 -14.35 26.98
C GLU A 78 3.84 -14.83 26.70
N ASN A 79 2.84 -13.95 26.79
CA ASN A 79 1.46 -14.35 26.61
C ASN A 79 0.94 -14.12 25.18
N ALA A 80 1.82 -13.96 24.21
CA ALA A 80 1.33 -13.81 22.81
C ALA A 80 0.87 -15.19 22.37
N LYS A 81 -0.35 -15.32 21.86
CA LYS A 81 -0.89 -16.60 21.43
C LYS A 81 -1.69 -16.55 20.13
N TRP A 82 -1.78 -17.72 19.53
CA TRP A 82 -2.58 -17.93 18.33
C TRP A 82 -4.02 -18.15 18.74
N SER A 83 -4.98 -18.06 17.84
CA SER A 83 -6.38 -18.23 18.18
C SER A 83 -6.75 -19.65 18.63
N ASP A 84 -5.86 -20.63 18.48
CA ASP A 84 -6.07 -21.98 18.96
C ASP A 84 -5.50 -22.15 20.35
N GLY A 85 -5.02 -21.09 20.97
CA GLY A 85 -4.43 -21.16 22.30
C GLY A 85 -2.94 -21.45 22.35
N THR A 86 -2.30 -21.81 21.25
CA THR A 86 -0.85 -22.10 21.29
C THR A 86 -0.05 -20.83 21.26
N PRO A 87 1.14 -20.81 21.86
CA PRO A 87 1.94 -19.61 21.99
C PRO A 87 2.49 -19.15 20.63
N VAL A 88 2.64 -17.86 20.45
CA VAL A 88 3.34 -17.30 19.30
C VAL A 88 4.80 -17.23 19.74
N THR A 89 5.70 -17.83 18.97
CA THR A 89 7.09 -17.87 19.36
C THR A 89 7.99 -17.27 18.31
N ALA A 90 9.27 -17.12 18.69
CA ALA A 90 10.25 -16.64 17.72
C ALA A 90 10.39 -17.64 16.58
N HIS A 91 10.13 -18.92 16.81
CA HIS A 91 10.21 -19.92 15.75
C HIS A 91 9.17 -19.64 14.65
N ASP A 92 8.01 -19.14 15.05
CA ASP A 92 6.95 -18.80 14.06
C ASP A 92 7.45 -17.70 13.12
N PHE A 93 8.16 -16.74 13.72
CA PHE A 93 8.74 -15.65 12.93
C PHE A 93 9.86 -16.14 12.04
N VAL A 94 10.68 -17.12 12.55
CA VAL A 94 11.75 -17.60 11.68
C VAL A 94 11.19 -18.25 10.45
N TYR A 95 10.23 -19.14 10.61
CA TYR A 95 9.59 -19.90 9.53
C TYR A 95 8.93 -18.92 8.54
N SER A 96 8.21 -17.99 9.17
CA SER A 96 7.43 -17.04 8.33
C SER A 96 8.31 -16.17 7.46
N TRP A 97 9.38 -15.57 8.01
CA TRP A 97 10.25 -14.74 7.16
C TRP A 97 10.95 -15.60 6.14
N GLN A 98 11.31 -16.85 6.52
CA GLN A 98 11.89 -17.74 5.52
C GLN A 98 10.89 -17.99 4.39
N ARG A 99 9.62 -18.24 4.71
CA ARG A 99 8.62 -18.50 3.67
C ARG A 99 8.43 -17.28 2.78
N LEU A 100 8.50 -16.07 3.38
CA LEU A 100 8.41 -14.84 2.56
C LEU A 100 9.56 -14.77 1.59
N ALA A 101 10.78 -15.08 2.02
CA ALA A 101 11.96 -15.00 1.17
C ALA A 101 12.02 -16.08 0.09
N ASP A 102 11.42 -17.24 0.36
CA ASP A 102 11.52 -18.36 -0.56
C ASP A 102 10.89 -18.06 -1.91
N PRO A 103 11.65 -18.16 -3.00
CA PRO A 103 11.10 -17.93 -4.33
C PRO A 103 9.91 -18.79 -4.64
N ASN A 104 9.80 -20.00 -4.09
CA ASN A 104 8.66 -20.86 -4.38
C ASN A 104 7.36 -20.27 -3.84
N THR A 105 7.40 -19.43 -2.82
CA THR A 105 6.20 -18.76 -2.30
C THR A 105 5.77 -17.69 -3.31
N ALA A 106 6.71 -17.14 -4.09
CA ALA A 106 6.37 -16.14 -5.09
C ALA A 106 5.61 -14.97 -4.48
N SER A 107 6.00 -14.50 -3.30
CA SER A 107 5.28 -13.34 -2.72
C SER A 107 5.60 -12.10 -3.55
N PRO A 108 4.60 -11.22 -3.74
CA PRO A 108 4.80 -9.93 -4.34
C PRO A 108 5.62 -9.01 -3.41
N TYR A 109 5.73 -9.37 -2.13
CA TYR A 109 6.53 -8.66 -1.18
C TYR A 109 7.79 -9.43 -0.81
N ALA A 110 8.29 -10.37 -1.62
CA ALA A 110 9.59 -11.01 -1.28
C ALA A 110 10.65 -9.94 -1.09
N SER A 111 10.68 -8.90 -1.93
CA SER A 111 11.63 -7.81 -1.75
C SER A 111 11.50 -6.96 -0.50
N TYR A 112 10.51 -7.12 0.36
CA TYR A 112 10.41 -6.38 1.63
C TYR A 112 11.62 -6.73 2.49
N LEU A 113 12.14 -7.96 2.33
CA LEU A 113 13.33 -8.39 3.07
C LEU A 113 14.59 -7.77 2.49
N GLN A 114 14.61 -7.40 1.22
CA GLN A 114 15.72 -6.66 0.64
C GLN A 114 15.64 -5.20 1.08
N TYR A 115 14.45 -4.64 1.20
CA TYR A 115 14.28 -3.26 1.66
C TYR A 115 14.85 -3.13 3.08
N GLY A 116 14.66 -4.20 3.88
CA GLY A 116 15.23 -4.15 5.23
C GLY A 116 16.67 -4.66 5.25
N HIS A 117 17.18 -5.20 4.15
CA HIS A 117 18.53 -5.72 4.03
C HIS A 117 18.90 -6.85 4.96
N ILE A 118 17.97 -7.75 5.21
CA ILE A 118 18.19 -8.94 6.01
C ILE A 118 19.31 -9.76 5.32
N ALA A 119 20.25 -10.26 6.13
CA ALA A 119 21.38 -11.00 5.56
C ALA A 119 20.96 -12.10 4.61
N ASN A 120 21.71 -12.24 3.52
CA ASN A 120 21.61 -13.26 2.50
C ASN A 120 20.36 -13.25 1.63
N ILE A 121 19.52 -12.24 1.71
CA ILE A 121 18.26 -12.22 0.97
C ILE A 121 18.45 -12.23 -0.53
N ASP A 122 19.41 -11.48 -1.06
CA ASP A 122 19.57 -11.46 -2.53
C ASP A 122 19.79 -12.85 -3.07
N ASP A 123 20.71 -13.61 -2.47
CA ASP A 123 21.00 -14.97 -2.92
C ASP A 123 19.83 -15.93 -2.77
N ILE A 124 19.02 -15.76 -1.72
CA ILE A 124 17.84 -16.62 -1.53
C ILE A 124 16.81 -16.30 -2.60
N ILE A 125 16.56 -15.02 -2.84
CA ILE A 125 15.62 -14.67 -3.92
C ILE A 125 16.08 -15.25 -5.24
N ALA A 126 17.37 -15.19 -5.54
CA ALA A 126 17.92 -15.69 -6.78
C ALA A 126 18.11 -17.19 -6.85
N GLY A 127 17.82 -17.96 -5.82
CA GLY A 127 17.94 -19.39 -5.81
C GLY A 127 19.34 -19.92 -5.55
N LYS A 128 20.26 -19.05 -5.13
CA LYS A 128 21.63 -19.46 -4.87
C LYS A 128 21.82 -20.04 -3.48
N LYS A 129 20.96 -19.66 -2.55
CA LYS A 129 20.99 -20.12 -1.17
C LYS A 129 19.57 -20.50 -0.77
N PRO A 130 19.42 -21.52 0.05
CA PRO A 130 18.13 -21.94 0.56
C PRO A 130 17.60 -20.86 1.51
N ALA A 131 16.29 -20.75 1.65
CA ALA A 131 15.65 -19.77 2.54
C ALA A 131 16.05 -19.96 3.99
N THR A 132 16.45 -21.18 4.40
CA THR A 132 16.99 -21.38 5.76
C THR A 132 18.27 -20.63 6.04
N ASP A 133 18.96 -20.04 5.09
CA ASP A 133 20.15 -19.23 5.28
C ASP A 133 19.77 -17.76 5.57
N LEU A 134 18.48 -17.43 5.59
CA LEU A 134 18.09 -16.03 5.85
C LEU A 134 18.68 -15.59 7.19
N GLY A 135 19.05 -14.34 7.29
CA GLY A 135 19.65 -13.84 8.55
C GLY A 135 18.69 -13.55 9.68
N VAL A 136 17.93 -14.51 10.11
CA VAL A 136 17.02 -14.50 11.22
C VAL A 136 17.27 -15.75 12.07
N LYS A 137 17.01 -15.66 13.37
CA LYS A 137 17.12 -16.83 14.22
C LYS A 137 16.34 -16.61 15.50
N ALA A 138 15.83 -17.67 16.09
CA ALA A 138 15.15 -17.63 17.37
C ALA A 138 16.24 -17.97 18.41
N LEU A 139 16.54 -17.04 19.30
CA LEU A 139 17.58 -17.34 20.31
C LEU A 139 16.96 -18.21 21.40
N ASP A 140 15.64 -18.12 21.55
CA ASP A 140 14.84 -18.95 22.42
C ASP A 140 13.40 -18.79 21.94
N ASP A 141 12.42 -19.33 22.61
CA ASP A 141 11.05 -19.22 22.12
C ASP A 141 10.53 -17.77 22.16
N HIS A 142 11.07 -16.88 22.99
CA HIS A 142 10.57 -15.52 23.08
C HIS A 142 11.56 -14.50 22.60
N THR A 143 12.57 -14.92 21.84
CA THR A 143 13.58 -13.96 21.40
C THR A 143 13.92 -14.14 19.94
N PHE A 144 13.59 -13.13 19.12
CA PHE A 144 13.84 -13.17 17.69
C PHE A 144 14.91 -12.16 17.32
N GLU A 145 15.96 -12.65 16.69
CA GLU A 145 17.10 -11.83 16.28
C GLU A 145 17.29 -11.77 14.79
N VAL A 146 17.36 -10.55 14.30
CA VAL A 146 17.53 -10.27 12.89
C VAL A 146 18.88 -9.63 12.63
N THR A 147 19.57 -10.17 11.62
CA THR A 147 20.86 -9.63 11.27
C THR A 147 20.81 -9.02 9.87
N LEU A 148 21.13 -7.74 9.78
CA LEU A 148 21.12 -7.09 8.48
C LEU A 148 22.53 -7.08 7.89
N SER A 149 22.64 -6.85 6.60
CA SER A 149 23.94 -6.79 5.94
C SER A 149 24.56 -5.40 6.00
N GLU A 150 23.86 -4.40 6.52
CA GLU A 150 24.35 -3.04 6.67
C GLU A 150 23.40 -2.31 7.60
N PRO A 151 23.84 -1.19 8.17
CA PRO A 151 23.06 -0.44 9.13
C PRO A 151 21.79 0.11 8.52
N VAL A 152 20.66 -0.14 9.17
CA VAL A 152 19.37 0.37 8.67
C VAL A 152 18.67 0.98 9.88
N PRO A 153 18.89 2.27 10.12
CA PRO A 153 18.38 2.90 11.33
C PRO A 153 16.87 2.90 11.41
N TYR A 154 16.18 2.88 10.26
CA TYR A 154 14.73 2.89 10.26
C TYR A 154 14.16 1.49 10.17
N PHE A 155 14.97 0.42 10.33
CA PHE A 155 14.50 -0.95 10.14
C PHE A 155 13.23 -1.27 10.90
N TYR A 156 13.15 -0.92 12.21
CA TYR A 156 11.98 -1.25 12.99
C TYR A 156 10.70 -0.66 12.38
N LYS A 157 10.73 0.50 11.70
CA LYS A 157 9.52 1.05 11.07
C LYS A 157 8.92 0.08 10.04
N LEU A 158 9.73 -0.74 9.37
CA LEU A 158 9.21 -1.66 8.36
C LEU A 158 8.27 -2.72 8.95
N LEU A 159 8.51 -3.05 10.21
CA LEU A 159 7.89 -4.22 10.84
C LEU A 159 6.43 -4.21 11.12
N VAL A 160 5.70 -3.11 10.90
CA VAL A 160 4.25 -3.16 11.00
C VAL A 160 3.58 -3.74 9.74
N HIS A 161 4.27 -3.99 8.64
CA HIS A 161 3.68 -4.42 7.37
C HIS A 161 3.25 -5.87 7.36
N PRO A 162 2.15 -6.23 6.70
CA PRO A 162 1.66 -7.60 6.71
C PRO A 162 2.60 -8.68 6.29
N SER A 163 3.47 -8.41 5.31
CA SER A 163 4.39 -9.44 4.83
C SER A 163 5.35 -9.99 5.88
N VAL A 164 5.68 -9.25 6.90
CA VAL A 164 6.51 -9.67 8.02
C VAL A 164 5.69 -10.13 9.23
N SER A 165 4.40 -10.38 9.01
CA SER A 165 3.55 -10.99 10.06
C SER A 165 3.77 -12.50 10.05
N PRO A 166 3.55 -13.15 11.19
CA PRO A 166 3.66 -14.59 11.28
C PRO A 166 2.49 -15.32 10.68
N VAL A 167 2.79 -16.56 10.21
CA VAL A 167 1.77 -17.42 9.62
C VAL A 167 1.96 -18.78 10.34
N PRO A 168 0.88 -19.48 10.55
CA PRO A 168 0.94 -20.76 11.29
C PRO A 168 1.43 -21.93 10.45
N LYS A 169 2.67 -22.35 10.63
CA LYS A 169 3.27 -23.41 9.83
C LYS A 169 2.40 -24.67 9.73
N SER A 170 1.92 -25.14 10.89
CA SER A 170 1.13 -26.39 10.82
C SER A 170 -0.11 -26.29 9.94
N ALA A 171 -0.87 -25.18 9.94
CA ALA A 171 -2.02 -25.03 9.09
C ALA A 171 -1.57 -24.91 7.64
N VAL A 172 -0.49 -24.14 7.41
CA VAL A 172 0.01 -23.99 6.05
C VAL A 172 0.38 -25.35 5.44
N GLU A 173 1.18 -26.12 6.16
CA GLU A 173 1.61 -27.43 5.67
C GLU A 173 0.49 -28.44 5.53
N LYS A 174 -0.48 -28.50 6.42
CA LYS A 174 -1.56 -29.46 6.33
C LYS A 174 -2.64 -29.10 5.32
N PHE A 175 -2.96 -27.81 5.12
CA PHE A 175 -4.03 -27.41 4.21
C PHE A 175 -3.63 -26.72 2.93
N GLY A 176 -2.38 -26.37 2.79
CA GLY A 176 -1.84 -25.75 1.58
C GLY A 176 -2.60 -24.46 1.30
N ASP A 177 -2.98 -24.25 0.04
CA ASP A 177 -3.75 -23.12 -0.40
C ASP A 177 -5.07 -22.90 0.34
N LYS A 178 -5.62 -23.88 1.05
CA LYS A 178 -6.84 -23.67 1.79
C LYS A 178 -6.64 -23.43 3.28
N TRP A 179 -5.43 -23.09 3.74
CA TRP A 179 -5.16 -22.85 5.15
C TRP A 179 -5.91 -21.61 5.64
N THR A 180 -6.23 -20.69 4.69
CA THR A 180 -6.96 -19.50 5.16
C THR A 180 -8.47 -19.65 5.25
N GLN A 181 -9.02 -20.82 4.90
CA GLN A 181 -10.47 -21.01 5.04
C GLN A 181 -10.83 -20.95 6.51
N PRO A 182 -12.02 -20.52 6.87
CA PRO A 182 -12.48 -20.37 8.23
C PRO A 182 -12.24 -21.60 9.09
N ALA A 183 -12.51 -22.81 8.56
CA ALA A 183 -12.32 -24.04 9.32
C ALA A 183 -10.87 -24.39 9.60
N ASN A 184 -9.93 -23.85 8.82
CA ASN A 184 -8.54 -24.18 8.94
C ASN A 184 -7.64 -23.10 9.50
N ILE A 185 -8.01 -21.84 9.29
CA ILE A 185 -7.12 -20.74 9.63
C ILE A 185 -6.87 -20.59 11.11
N VAL A 186 -5.65 -20.20 11.44
CA VAL A 186 -5.23 -19.87 12.79
C VAL A 186 -4.66 -18.45 12.79
N THR A 187 -5.12 -17.53 13.63
CA THR A 187 -4.66 -16.14 13.61
C THR A 187 -4.16 -15.63 14.95
N ASN A 188 -3.30 -14.59 14.94
CA ASN A 188 -2.77 -14.08 16.21
C ASN A 188 -3.07 -12.61 16.48
N GLY A 189 -3.91 -12.01 15.61
CA GLY A 189 -4.32 -10.62 15.85
C GLY A 189 -5.55 -10.55 16.74
N ALA A 190 -6.16 -9.35 16.84
CA ALA A 190 -7.30 -9.15 17.71
C ALA A 190 -8.53 -9.92 17.26
N TYR A 191 -8.64 -10.28 16.00
CA TYR A 191 -9.75 -11.00 15.41
C TYR A 191 -9.41 -12.38 14.82
N LYS A 192 -10.46 -13.15 14.57
CA LYS A 192 -10.39 -14.48 13.96
C LYS A 192 -11.30 -14.45 12.73
N LEU A 193 -11.13 -15.34 11.77
CA LEU A 193 -12.02 -15.26 10.60
C LEU A 193 -13.28 -16.07 10.90
N LYS A 194 -14.43 -15.48 10.72
CA LYS A 194 -15.67 -16.23 10.91
C LYS A 194 -16.27 -16.72 9.60
N ASN A 195 -16.41 -15.80 8.63
CA ASN A 195 -17.03 -16.10 7.35
C ASN A 195 -16.28 -15.40 6.22
N TRP A 196 -16.19 -16.02 5.06
CA TRP A 196 -15.52 -15.43 3.91
C TRP A 196 -16.34 -15.91 2.68
N VAL A 197 -17.20 -15.02 2.23
CA VAL A 197 -18.06 -15.25 1.07
C VAL A 197 -17.45 -14.35 -0.04
N VAL A 198 -16.75 -14.95 -0.95
CA VAL A 198 -16.08 -14.17 -2.01
C VAL A 198 -17.08 -13.30 -2.75
N ASN A 199 -16.72 -12.02 -2.91
CA ASN A 199 -17.56 -11.00 -3.53
C ASN A 199 -18.83 -10.70 -2.77
N GLU A 200 -18.87 -11.02 -1.48
CA GLU A 200 -20.02 -10.67 -0.66
C GLU A 200 -19.58 -10.04 0.64
N ARG A 201 -18.83 -10.78 1.45
CA ARG A 201 -18.37 -10.21 2.72
C ARG A 201 -17.33 -11.11 3.37
N ILE A 202 -16.53 -10.51 4.22
CA ILE A 202 -15.58 -11.11 5.13
C ILE A 202 -16.06 -10.71 6.54
N VAL A 203 -16.30 -11.71 7.40
CA VAL A 203 -16.74 -11.33 8.76
C VAL A 203 -15.73 -11.83 9.80
N LEU A 204 -15.22 -10.94 10.62
CA LEU A 204 -14.24 -11.27 11.64
C LEU A 204 -14.91 -11.21 13.03
N GLU A 205 -14.43 -12.08 13.92
CA GLU A 205 -14.95 -12.03 15.29
C GLU A 205 -13.78 -11.91 16.26
N ARG A 206 -14.05 -11.29 17.41
CA ARG A 206 -12.98 -11.12 18.39
C ARG A 206 -12.25 -12.41 18.69
N ASN A 207 -10.92 -12.33 18.81
CA ASN A 207 -10.08 -13.49 19.13
C ASN A 207 -9.77 -13.38 20.63
N PRO A 208 -10.35 -14.26 21.43
CA PRO A 208 -10.19 -14.23 22.88
C PRO A 208 -8.80 -14.59 23.35
N GLN A 209 -7.99 -15.21 22.50
CA GLN A 209 -6.63 -15.59 22.84
C GLN A 209 -5.66 -14.45 22.61
N TYR A 210 -6.13 -13.39 21.94
CA TYR A 210 -5.25 -12.26 21.66
C TYR A 210 -4.70 -11.70 22.97
N TRP A 211 -3.38 -11.48 23.03
CA TRP A 211 -2.81 -10.98 24.29
C TRP A 211 -3.48 -9.74 24.83
N ASP A 212 -3.87 -8.81 23.97
CA ASP A 212 -4.48 -7.57 24.42
C ASP A 212 -5.99 -7.58 24.30
N ASN A 213 -6.63 -8.73 24.31
CA ASN A 213 -8.07 -8.91 24.18
C ASN A 213 -8.92 -8.10 25.15
N ALA A 214 -8.42 -7.84 26.36
CA ALA A 214 -9.16 -7.05 27.33
C ALA A 214 -9.44 -5.64 26.86
N LYS A 215 -8.63 -5.04 25.99
CA LYS A 215 -8.86 -3.70 25.49
C LYS A 215 -9.65 -3.68 24.18
N THR A 216 -9.86 -4.84 23.53
CA THR A 216 -10.67 -4.86 22.31
C THR A 216 -12.14 -4.61 22.65
N VAL A 217 -12.83 -3.77 21.88
CA VAL A 217 -14.21 -3.42 22.14
C VAL A 217 -15.17 -3.98 21.08
N ILE A 218 -14.86 -3.76 19.80
CA ILE A 218 -15.75 -4.29 18.74
C ILE A 218 -15.68 -5.82 18.74
N ASN A 219 -16.82 -6.51 18.77
CA ASN A 219 -16.89 -7.95 18.80
C ASN A 219 -16.94 -8.59 17.40
N GLN A 220 -17.46 -7.85 16.44
CA GLN A 220 -17.54 -8.40 15.08
C GLN A 220 -17.35 -7.24 14.09
N VAL A 221 -16.55 -7.48 13.06
CA VAL A 221 -16.39 -6.43 12.02
C VAL A 221 -16.60 -7.12 10.69
N THR A 222 -17.35 -6.52 9.78
CA THR A 222 -17.57 -7.12 8.46
C THR A 222 -16.86 -6.20 7.47
N TYR A 223 -16.13 -6.75 6.54
CA TYR A 223 -15.46 -6.01 5.46
C TYR A 223 -16.18 -6.39 4.15
N LEU A 224 -16.64 -5.40 3.40
CA LEU A 224 -17.33 -5.59 2.16
C LEU A 224 -16.39 -5.27 0.99
N PRO A 225 -16.70 -5.85 -0.17
CA PRO A 225 -15.83 -5.74 -1.34
C PRO A 225 -16.36 -4.81 -2.41
N ILE A 226 -17.00 -3.70 -2.04
CA ILE A 226 -17.65 -2.83 -3.04
C ILE A 226 -16.67 -1.89 -3.74
N SER A 227 -16.49 -2.05 -5.05
CA SER A 227 -15.55 -1.20 -5.77
C SER A 227 -16.16 0.07 -6.33
N SER A 228 -17.50 0.18 -6.34
CA SER A 228 -18.14 1.42 -6.72
C SER A 228 -18.19 2.35 -5.51
N GLU A 229 -17.48 3.48 -5.61
CA GLU A 229 -17.48 4.46 -4.53
C GLU A 229 -18.87 5.10 -4.39
N VAL A 230 -19.63 5.20 -5.48
CA VAL A 230 -21.01 5.71 -5.36
C VAL A 230 -21.88 4.79 -4.53
N THR A 231 -21.78 3.49 -4.78
CA THR A 231 -22.49 2.42 -4.09
C THR A 231 -22.08 2.39 -2.63
N ASP A 232 -20.76 2.51 -2.38
CA ASP A 232 -20.30 2.55 -0.98
C ASP A 232 -21.00 3.67 -0.22
N VAL A 233 -20.93 4.89 -0.76
CA VAL A 233 -21.60 6.03 -0.14
C VAL A 233 -23.09 5.76 0.03
N ASN A 234 -23.75 5.20 -0.99
CA ASN A 234 -25.18 4.91 -0.86
C ASN A 234 -25.45 3.95 0.28
N ARG A 235 -24.67 2.88 0.44
CA ARG A 235 -24.90 1.91 1.50
C ARG A 235 -24.49 2.45 2.86
N TYR A 236 -23.56 3.41 2.88
CA TYR A 236 -23.25 4.10 4.13
C TYR A 236 -24.48 4.97 4.52
N ARG A 237 -25.00 5.76 3.58
CA ARG A 237 -26.10 6.67 3.96
C ARG A 237 -27.44 5.98 4.23
N SER A 238 -27.58 4.76 3.75
CA SER A 238 -28.73 3.93 4.00
C SER A 238 -28.67 3.31 5.39
N GLY A 239 -27.48 3.32 6.01
CA GLY A 239 -27.33 2.76 7.35
C GLY A 239 -26.57 1.44 7.42
N GLU A 240 -26.38 0.76 6.33
CA GLU A 240 -25.67 -0.51 6.28
C GLU A 240 -24.18 -0.38 6.60
N ILE A 241 -23.52 0.63 6.08
CA ILE A 241 -22.05 0.74 6.28
C ILE A 241 -21.69 1.81 7.28
N ASP A 242 -20.75 1.49 8.19
CA ASP A 242 -20.33 2.46 9.19
C ASP A 242 -19.16 3.32 8.74
N MET A 243 -18.27 2.72 7.95
CA MET A 243 -17.11 3.47 7.46
C MET A 243 -16.96 3.15 5.98
N THR A 244 -16.95 4.14 5.09
CA THR A 244 -16.72 3.79 3.67
C THR A 244 -15.21 3.46 3.51
N TYR A 245 -14.91 2.95 2.32
CA TYR A 245 -13.54 2.78 1.86
C TYR A 245 -13.03 4.19 1.56
N ASN A 246 -11.73 4.42 1.50
CA ASN A 246 -11.22 5.78 1.29
C ASN A 246 -10.73 5.96 -0.13
N ASN A 247 -11.70 5.96 -1.01
CA ASN A 247 -11.71 6.26 -2.42
C ASN A 247 -13.12 6.92 -2.52
N MET A 248 -13.15 8.18 -2.95
CA MET A 248 -14.45 8.88 -3.02
C MET A 248 -14.96 9.21 -4.42
N PRO A 249 -16.27 9.07 -4.62
CA PRO A 249 -16.93 9.27 -5.90
C PRO A 249 -17.05 10.71 -6.39
N ILE A 250 -16.91 10.84 -7.71
CA ILE A 250 -17.03 12.17 -8.32
C ILE A 250 -18.47 12.62 -8.30
N GLU A 251 -19.39 11.70 -8.51
CA GLU A 251 -20.82 11.95 -8.55
C GLU A 251 -21.40 12.59 -7.29
N LEU A 252 -20.90 12.21 -6.12
CA LEU A 252 -21.44 12.65 -4.85
C LEU A 252 -20.57 13.46 -3.90
N PHE A 253 -19.25 13.43 -3.97
CA PHE A 253 -18.39 14.09 -3.02
C PHE A 253 -18.77 15.53 -2.68
N GLN A 254 -18.83 16.40 -3.70
CA GLN A 254 -19.20 17.80 -3.40
C GLN A 254 -20.42 17.78 -2.48
N LYS A 255 -21.50 17.20 -2.96
CA LYS A 255 -22.74 17.04 -2.19
C LYS A 255 -22.47 16.72 -0.73
N LEU A 256 -21.77 15.63 -0.42
CA LEU A 256 -21.48 15.18 0.92
C LEU A 256 -20.91 16.17 1.92
N LYS A 257 -19.92 16.96 1.49
CA LYS A 257 -19.31 17.95 2.37
C LYS A 257 -20.34 18.96 2.88
N LYS A 258 -21.22 19.36 1.97
CA LYS A 258 -22.28 20.30 2.36
C LYS A 258 -23.37 19.56 3.11
N GLU A 259 -23.72 18.35 2.69
CA GLU A 259 -24.80 17.64 3.37
C GLU A 259 -24.43 17.04 4.70
N ILE A 260 -23.28 16.36 4.84
CA ILE A 260 -22.93 15.74 6.12
C ILE A 260 -21.48 16.04 6.50
N PRO A 261 -21.16 17.30 6.79
CA PRO A 261 -19.82 17.76 7.06
C PRO A 261 -19.07 17.09 8.18
N ASN A 262 -19.68 16.78 9.30
CA ASN A 262 -19.04 16.11 10.40
C ASN A 262 -18.68 14.65 10.09
N GLU A 263 -19.30 14.06 9.09
CA GLU A 263 -18.98 12.66 8.74
C GLU A 263 -17.91 12.53 7.69
N VAL A 264 -17.54 13.62 7.05
CA VAL A 264 -16.56 13.60 5.98
C VAL A 264 -15.19 13.83 6.59
N ARG A 265 -14.40 12.77 6.68
CA ARG A 265 -13.05 12.88 7.25
C ARG A 265 -12.09 13.09 6.10
N VAL A 266 -11.22 14.09 6.20
CA VAL A 266 -10.24 14.29 5.10
C VAL A 266 -8.91 14.54 5.80
N ASP A 267 -7.96 13.63 5.71
CA ASP A 267 -6.68 13.75 6.41
C ASP A 267 -5.50 13.47 5.50
N PRO A 268 -4.29 13.78 5.95
CA PRO A 268 -3.11 13.57 5.14
C PRO A 268 -2.93 12.09 4.85
N TYR A 269 -2.38 11.77 3.69
CA TYR A 269 -2.22 10.36 3.28
C TYR A 269 -1.01 10.21 2.41
N LEU A 270 -0.09 9.30 2.80
CA LEU A 270 1.16 9.18 2.04
C LEU A 270 1.00 8.20 0.90
N CYS A 271 0.24 8.67 -0.12
CA CYS A 271 0.04 7.85 -1.30
C CYS A 271 0.10 8.78 -2.53
N THR A 272 0.48 8.20 -3.65
CA THR A 272 0.58 8.94 -4.90
C THR A 272 -0.19 8.20 -6.00
N TYR A 273 -1.00 8.97 -6.72
CA TYR A 273 -1.81 8.49 -7.84
C TYR A 273 -1.00 8.78 -9.12
N TYR A 274 -0.82 7.75 -9.95
CA TYR A 274 -0.02 7.99 -11.15
C TYR A 274 -0.47 7.07 -12.28
N TYR A 275 0.01 7.36 -13.50
CA TYR A 275 -0.26 6.35 -14.55
C TYR A 275 1.04 5.57 -14.67
N GLU A 276 0.99 4.26 -14.39
CA GLU A 276 2.12 3.36 -14.49
C GLU A 276 2.36 2.97 -15.96
N ILE A 277 3.54 3.27 -16.45
CA ILE A 277 3.92 2.88 -17.82
C ILE A 277 4.70 1.59 -17.81
N ASN A 278 4.39 0.67 -18.75
CA ASN A 278 5.17 -0.58 -18.82
C ASN A 278 6.45 -0.23 -19.57
N ASN A 279 7.55 0.02 -18.84
CA ASN A 279 8.78 0.50 -19.45
C ASN A 279 9.46 -0.46 -20.40
N GLN A 280 9.15 -1.75 -20.33
CA GLN A 280 9.71 -2.76 -21.22
C GLN A 280 8.88 -3.00 -22.48
N LYS A 281 7.73 -2.40 -22.65
CA LYS A 281 6.87 -2.66 -23.80
C LYS A 281 6.95 -1.56 -24.85
N ALA A 282 7.50 -1.85 -26.05
CA ALA A 282 7.54 -0.79 -27.06
C ALA A 282 6.09 -0.42 -27.35
N PRO A 283 5.82 0.83 -27.66
CA PRO A 283 6.80 1.88 -27.76
C PRO A 283 7.06 2.67 -26.47
N PHE A 284 6.62 2.13 -25.34
CA PHE A 284 6.81 2.79 -24.05
C PHE A 284 8.23 2.63 -23.53
N ASN A 285 9.10 1.90 -24.25
CA ASN A 285 10.50 1.80 -23.91
C ASN A 285 11.25 3.01 -24.50
N ASP A 286 10.58 3.92 -25.16
CA ASP A 286 11.17 5.16 -25.67
C ASP A 286 10.88 6.29 -24.68
N VAL A 287 11.91 6.92 -24.12
CA VAL A 287 11.72 8.01 -23.16
C VAL A 287 10.93 9.17 -23.68
N ARG A 288 11.04 9.43 -25.01
CA ARG A 288 10.28 10.52 -25.61
C ARG A 288 8.80 10.27 -25.49
N VAL A 289 8.35 9.03 -25.66
CA VAL A 289 6.92 8.73 -25.57
C VAL A 289 6.43 8.87 -24.13
N ARG A 290 7.22 8.34 -23.21
CA ARG A 290 6.86 8.43 -21.78
C ARG A 290 6.79 9.90 -21.33
N THR A 291 7.82 10.66 -21.70
CA THR A 291 7.87 12.09 -21.34
C THR A 291 6.72 12.84 -21.93
N ALA A 292 6.35 12.55 -23.20
CA ALA A 292 5.20 13.21 -23.82
C ALA A 292 3.92 12.97 -23.05
N LEU A 293 3.71 11.71 -22.62
CA LEU A 293 2.50 11.40 -21.87
C LEU A 293 2.50 12.11 -20.52
N LYS A 294 3.66 12.20 -19.91
CA LYS A 294 3.78 12.87 -18.61
C LYS A 294 3.40 14.34 -18.69
N LEU A 295 4.02 15.01 -19.69
CA LEU A 295 3.77 16.44 -19.86
C LEU A 295 2.43 16.84 -20.39
N ALA A 296 1.81 16.08 -21.32
CA ALA A 296 0.54 16.44 -21.89
C ALA A 296 -0.62 16.17 -20.94
N LEU A 297 -0.36 15.42 -19.86
CA LEU A 297 -1.47 15.25 -18.90
C LEU A 297 -1.64 16.59 -18.20
N ASP A 298 -2.83 17.16 -18.15
CA ASP A 298 -3.09 18.41 -17.45
C ASP A 298 -3.59 18.16 -16.02
N ARG A 299 -2.67 18.27 -15.06
CA ARG A 299 -2.98 18.02 -13.66
C ARG A 299 -3.97 18.99 -13.06
N ASP A 300 -3.90 20.25 -13.49
CA ASP A 300 -4.84 21.23 -12.97
C ASP A 300 -6.27 20.83 -13.31
N ILE A 301 -6.51 20.37 -14.54
CA ILE A 301 -7.87 19.95 -14.89
C ILE A 301 -8.30 18.74 -14.06
N ILE A 302 -7.49 17.69 -14.13
CA ILE A 302 -7.80 16.46 -13.40
C ILE A 302 -7.96 16.71 -11.91
N VAL A 303 -6.90 17.23 -11.31
CA VAL A 303 -6.88 17.46 -9.87
C VAL A 303 -7.85 18.52 -9.41
N ASN A 304 -7.95 19.68 -10.05
CA ASN A 304 -8.83 20.72 -9.56
C ASN A 304 -10.21 20.81 -10.20
N LYS A 305 -10.36 20.41 -11.45
CA LYS A 305 -11.66 20.52 -12.12
C LYS A 305 -12.47 19.23 -12.05
N VAL A 306 -11.90 18.14 -12.59
CA VAL A 306 -12.62 16.87 -12.67
C VAL A 306 -12.75 16.16 -11.34
N LYS A 307 -11.71 16.10 -10.51
CA LYS A 307 -11.82 15.41 -9.23
C LYS A 307 -12.14 16.39 -8.11
N ASN A 308 -11.30 17.39 -7.93
CA ASN A 308 -11.45 18.42 -6.91
C ASN A 308 -11.89 17.87 -5.55
N GLN A 309 -11.05 17.05 -4.92
CA GLN A 309 -11.36 16.45 -3.63
C GLN A 309 -10.33 16.80 -2.55
N GLY A 310 -9.39 17.69 -2.83
CA GLY A 310 -8.36 18.11 -1.88
C GLY A 310 -6.96 17.54 -2.21
N ASP A 311 -6.88 16.85 -3.34
CA ASP A 311 -5.64 16.24 -3.80
C ASP A 311 -4.77 17.33 -4.42
N LEU A 312 -3.46 17.14 -4.28
CA LEU A 312 -2.50 18.11 -4.80
C LEU A 312 -1.83 17.56 -6.05
N PRO A 313 -1.61 18.37 -7.06
CA PRO A 313 -0.96 17.93 -8.28
C PRO A 313 0.43 17.41 -7.98
N ALA A 314 0.79 16.27 -8.59
CA ALA A 314 2.04 15.61 -8.31
C ALA A 314 3.12 15.72 -9.37
N TYR A 315 4.37 15.81 -8.92
CA TYR A 315 5.46 15.87 -9.90
C TYR A 315 6.50 14.82 -9.55
N SER A 316 6.25 13.99 -8.53
CA SER A 316 7.17 12.97 -8.08
C SER A 316 6.47 11.65 -7.75
N TYR A 317 7.24 10.62 -7.41
CA TYR A 317 6.64 9.34 -7.01
C TYR A 317 6.47 9.42 -5.48
N THR A 318 7.57 9.61 -4.79
CA THR A 318 7.51 9.78 -3.33
C THR A 318 6.77 11.06 -2.97
N PRO A 319 5.75 11.04 -2.12
CA PRO A 319 5.05 12.27 -1.77
C PRO A 319 6.03 13.19 -1.07
N PRO A 320 5.97 14.49 -1.35
CA PRO A 320 6.90 15.43 -0.74
C PRO A 320 6.75 15.57 0.76
N TYR A 321 5.64 15.17 1.35
CA TYR A 321 5.53 15.23 2.80
C TYR A 321 5.90 13.96 3.56
N THR A 322 6.43 12.96 2.82
CA THR A 322 7.01 11.77 3.48
C THR A 322 8.11 12.23 4.43
N ASP A 323 8.28 11.56 5.55
CA ASP A 323 9.35 11.89 6.51
C ASP A 323 10.68 11.63 5.83
N GLY A 324 11.48 12.70 5.62
CA GLY A 324 12.78 12.51 4.99
C GLY A 324 12.82 12.96 3.54
N ALA A 325 11.64 13.39 3.02
CA ALA A 325 11.58 13.84 1.63
C ALA A 325 11.87 15.35 1.57
N LYS A 326 12.85 15.69 0.76
CA LYS A 326 13.26 17.07 0.50
C LYS A 326 13.45 17.14 -1.00
N LEU A 327 12.33 17.07 -1.75
CA LEU A 327 12.45 16.90 -3.20
C LEU A 327 12.60 18.16 -4.02
N VAL A 328 13.19 18.03 -5.18
CA VAL A 328 13.34 19.19 -6.06
C VAL A 328 12.18 19.18 -7.05
N GLU A 329 11.37 20.22 -7.09
CA GLU A 329 10.26 20.32 -8.04
C GLU A 329 10.88 20.59 -9.41
N PRO A 330 10.57 19.76 -10.39
CA PRO A 330 11.18 19.90 -11.71
C PRO A 330 10.61 21.06 -12.48
N GLU A 331 11.40 21.62 -13.40
CA GLU A 331 10.96 22.76 -14.19
C GLU A 331 9.73 22.55 -15.03
N TRP A 332 9.52 21.35 -15.60
CA TRP A 332 8.33 21.09 -16.38
C TRP A 332 7.07 21.31 -15.57
N PHE A 333 7.06 21.05 -14.26
CA PHE A 333 5.86 21.20 -13.46
C PHE A 333 5.45 22.65 -13.25
N LYS A 334 6.38 23.59 -13.26
CA LYS A 334 6.07 25.00 -13.06
C LYS A 334 5.67 25.68 -14.37
N TRP A 335 5.99 25.08 -15.51
CA TRP A 335 5.58 25.65 -16.78
C TRP A 335 4.07 25.74 -16.93
N SER A 336 3.64 26.43 -17.99
CA SER A 336 2.22 26.50 -18.32
C SER A 336 1.88 25.19 -19.03
N GLN A 337 0.61 24.80 -19.05
CA GLN A 337 0.18 23.57 -19.70
C GLN A 337 0.47 23.69 -21.18
N GLN A 338 0.19 24.88 -21.74
CA GLN A 338 0.48 25.15 -23.15
C GLN A 338 1.91 24.83 -23.52
N LYS A 339 2.88 25.19 -22.69
CA LYS A 339 4.28 24.88 -22.98
C LYS A 339 4.55 23.39 -22.81
N ARG A 340 3.92 22.79 -21.78
CA ARG A 340 4.01 21.33 -21.62
C ARG A 340 3.46 20.63 -22.87
N ASN A 341 2.30 21.06 -23.37
CA ASN A 341 1.70 20.47 -24.57
C ASN A 341 2.61 20.60 -25.79
N GLU A 342 3.17 21.79 -26.05
CA GLU A 342 4.04 21.88 -27.24
C GLU A 342 5.25 20.99 -27.11
N GLU A 343 5.87 20.85 -25.93
CA GLU A 343 7.01 19.97 -25.76
C GLU A 343 6.65 18.49 -25.98
N ALA A 344 5.48 18.08 -25.51
CA ALA A 344 4.97 16.73 -25.69
C ALA A 344 4.74 16.40 -27.18
N LYS A 345 4.08 17.31 -27.88
CA LYS A 345 3.84 17.14 -29.32
C LYS A 345 5.16 16.98 -30.07
N LYS A 346 6.15 17.81 -29.74
CA LYS A 346 7.48 17.74 -30.33
C LYS A 346 8.16 16.43 -30.07
N LEU A 347 8.09 15.89 -28.85
CA LEU A 347 8.74 14.61 -28.53
C LEU A 347 8.05 13.47 -29.25
N LEU A 348 6.72 13.49 -29.28
CA LEU A 348 5.97 12.44 -29.97
C LEU A 348 6.30 12.46 -31.47
N ALA A 349 6.30 13.68 -32.04
CA ALA A 349 6.63 13.80 -33.46
C ALA A 349 8.06 13.30 -33.70
N GLU A 350 8.99 13.53 -32.78
CA GLU A 350 10.33 12.97 -32.90
C GLU A 350 10.34 11.45 -32.78
N ALA A 351 9.38 10.89 -32.03
CA ALA A 351 9.28 9.45 -31.86
C ALA A 351 8.76 8.71 -33.09
N GLY A 352 8.27 9.41 -34.12
CA GLY A 352 7.81 8.78 -35.34
C GLY A 352 6.29 8.74 -35.46
N PHE A 353 5.61 9.45 -34.58
CA PHE A 353 4.15 9.48 -34.61
C PHE A 353 3.62 10.64 -35.42
N THR A 354 2.62 10.36 -36.24
CA THR A 354 2.00 11.31 -37.15
C THR A 354 0.48 11.28 -37.00
N ALA A 355 -0.22 12.05 -37.83
CA ALA A 355 -1.68 11.99 -37.80
C ALA A 355 -2.17 10.75 -38.55
N ASP A 356 -1.40 10.25 -39.50
CA ASP A 356 -1.75 9.06 -40.27
C ASP A 356 -1.45 7.81 -39.47
N LYS A 357 -0.42 7.84 -38.63
CA LYS A 357 -0.04 6.72 -37.77
C LYS A 357 0.12 7.21 -36.34
N PRO A 358 -1.00 7.47 -35.67
CA PRO A 358 -1.00 8.03 -34.34
C PRO A 358 -0.65 7.01 -33.27
N LEU A 359 -0.35 7.51 -32.08
CA LEU A 359 -0.05 6.63 -30.95
C LEU A 359 -1.39 6.17 -30.37
N THR A 360 -1.52 4.86 -30.31
CA THR A 360 -2.72 4.17 -29.82
C THR A 360 -2.34 3.09 -28.81
N PHE A 361 -2.96 3.09 -27.63
CA PHE A 361 -2.60 2.11 -26.60
C PHE A 361 -3.69 1.95 -25.54
N ASP A 362 -3.50 0.94 -24.68
CA ASP A 362 -4.49 0.63 -23.67
C ASP A 362 -4.29 1.35 -22.34
N LEU A 363 -5.39 1.70 -21.68
CA LEU A 363 -5.28 2.35 -20.35
C LEU A 363 -6.12 1.41 -19.44
N LEU A 364 -5.42 0.69 -18.62
CA LEU A 364 -6.00 -0.30 -17.74
C LEU A 364 -6.30 0.31 -16.39
N TYR A 365 -7.47 -0.03 -15.86
CA TYR A 365 -7.74 0.50 -14.51
C TYR A 365 -8.55 -0.55 -13.76
N ASN A 366 -8.43 -0.58 -12.42
CA ASN A 366 -9.30 -1.53 -11.70
C ASN A 366 -10.68 -0.92 -11.52
N THR A 367 -11.74 -1.73 -11.69
CA THR A 367 -13.13 -1.30 -11.55
C THR A 367 -13.36 -0.33 -10.42
N SER A 368 -13.91 0.86 -10.72
CA SER A 368 -14.09 1.94 -9.79
C SER A 368 -14.77 3.14 -10.47
N ASP A 369 -15.66 3.82 -9.77
CA ASP A 369 -16.26 5.02 -10.38
C ASP A 369 -15.19 6.08 -10.56
N LEU A 370 -14.40 6.23 -9.50
CA LEU A 370 -13.32 7.22 -9.53
C LEU A 370 -12.34 6.97 -10.68
N HIS A 371 -11.84 5.73 -10.76
CA HIS A 371 -10.82 5.48 -11.78
C HIS A 371 -11.38 5.57 -13.20
N LYS A 372 -12.61 5.10 -13.41
CA LYS A 372 -13.15 5.15 -14.76
C LYS A 372 -13.31 6.61 -15.21
N LYS A 373 -13.92 7.41 -14.33
CA LYS A 373 -14.15 8.84 -14.64
C LYS A 373 -12.84 9.56 -14.90
N LEU A 374 -11.82 9.30 -14.08
CA LEU A 374 -10.51 9.89 -14.31
C LEU A 374 -9.85 9.33 -15.58
N ALA A 375 -10.05 8.07 -15.90
CA ALA A 375 -9.41 7.55 -17.14
C ALA A 375 -10.11 8.14 -18.37
N ILE A 376 -11.42 8.35 -18.28
CA ILE A 376 -12.12 8.96 -19.42
C ILE A 376 -11.64 10.41 -19.59
N ALA A 377 -11.44 11.14 -18.48
CA ALA A 377 -10.94 12.51 -18.59
C ALA A 377 -9.53 12.56 -19.14
N VAL A 378 -8.65 11.67 -18.69
CA VAL A 378 -7.27 11.58 -19.13
C VAL A 378 -7.21 11.20 -20.59
N ALA A 379 -7.98 10.19 -21.01
CA ALA A 379 -8.07 9.81 -22.42
C ALA A 379 -8.45 11.06 -23.26
N SER A 380 -9.46 11.81 -22.84
CA SER A 380 -9.86 13.03 -23.52
C SER A 380 -8.72 14.04 -23.57
N ILE A 381 -8.13 14.30 -22.39
CA ILE A 381 -7.00 15.23 -22.33
C ILE A 381 -5.85 14.86 -23.24
N TRP A 382 -5.51 13.57 -23.30
CA TRP A 382 -4.42 13.14 -24.14
C TRP A 382 -4.81 13.23 -25.63
N LYS A 383 -6.08 13.02 -25.90
CA LYS A 383 -6.55 13.12 -27.29
C LYS A 383 -6.43 14.59 -27.72
N LYS A 384 -7.01 15.48 -26.94
CA LYS A 384 -7.01 16.90 -27.23
C LYS A 384 -5.61 17.50 -27.26
N ASN A 385 -4.83 17.29 -26.19
CA ASN A 385 -3.52 17.90 -26.10
C ASN A 385 -2.43 17.22 -26.90
N LEU A 386 -2.55 15.92 -27.17
CA LEU A 386 -1.43 15.26 -27.84
C LEU A 386 -1.81 14.43 -29.04
N GLY A 387 -3.10 14.30 -29.36
CA GLY A 387 -3.52 13.46 -30.47
C GLY A 387 -3.32 11.97 -30.28
N VAL A 388 -3.35 11.47 -29.03
CA VAL A 388 -3.18 10.03 -28.84
C VAL A 388 -4.55 9.41 -28.58
N ASN A 389 -4.70 8.15 -28.99
CA ASN A 389 -5.95 7.45 -28.81
C ASN A 389 -5.71 6.38 -27.72
N VAL A 390 -6.65 6.29 -26.82
CA VAL A 390 -6.50 5.30 -25.75
C VAL A 390 -7.73 4.42 -25.69
N ASN A 391 -7.54 3.12 -25.41
CA ASN A 391 -8.66 2.23 -25.24
C ASN A 391 -8.65 1.84 -23.75
N LEU A 392 -9.67 2.29 -23.06
CA LEU A 392 -9.81 1.96 -21.66
C LEU A 392 -10.17 0.50 -21.48
N GLU A 393 -9.61 -0.11 -20.44
CA GLU A 393 -9.94 -1.51 -20.12
C GLU A 393 -10.11 -1.62 -18.60
N ASN A 394 -11.18 -2.18 -18.10
CA ASN A 394 -11.32 -2.33 -16.65
C ASN A 394 -11.09 -3.78 -16.22
N GLN A 395 -10.49 -4.02 -15.07
CA GLN A 395 -10.33 -5.38 -14.55
C GLN A 395 -10.61 -5.31 -13.04
N GLU A 396 -11.05 -6.43 -12.46
CA GLU A 396 -11.22 -6.45 -11.03
C GLU A 396 -9.87 -6.37 -10.35
N TRP A 397 -9.85 -5.93 -9.09
CA TRP A 397 -8.59 -5.73 -8.38
C TRP A 397 -7.56 -6.84 -8.42
N LYS A 398 -7.92 -8.07 -8.03
CA LYS A 398 -6.97 -9.16 -8.02
C LYS A 398 -6.40 -9.40 -9.44
N THR A 399 -7.27 -9.40 -10.43
CA THR A 399 -6.79 -9.63 -11.82
C THR A 399 -5.86 -8.52 -12.28
N PHE A 400 -6.28 -7.28 -12.03
CA PHE A 400 -5.52 -6.07 -12.32
C PHE A 400 -4.10 -6.13 -11.76
N LEU A 401 -3.94 -6.51 -10.49
CA LEU A 401 -2.58 -6.61 -9.96
C LEU A 401 -1.78 -7.70 -10.66
N ASP A 402 -2.41 -8.83 -10.97
CA ASP A 402 -1.71 -9.90 -11.66
C ASP A 402 -1.28 -9.41 -13.03
N THR A 403 -2.16 -8.74 -13.74
CA THR A 403 -1.84 -8.19 -15.06
C THR A 403 -0.58 -7.32 -15.00
N ARG A 404 -0.52 -6.44 -14.03
CA ARG A 404 0.62 -5.55 -13.85
C ARG A 404 1.88 -6.32 -13.51
N HIS A 405 1.81 -7.34 -12.64
CA HIS A 405 2.96 -8.16 -12.36
C HIS A 405 3.40 -8.96 -13.60
N GLN A 406 2.49 -9.35 -14.46
CA GLN A 406 2.87 -10.15 -15.63
C GLN A 406 3.43 -9.27 -16.75
N GLY A 407 3.12 -7.99 -16.68
CA GLY A 407 3.56 -7.04 -17.69
C GLY A 407 2.66 -7.12 -18.93
N THR A 408 1.41 -7.62 -18.80
CA THR A 408 0.54 -7.67 -19.99
C THR A 408 -0.32 -6.44 -20.16
N PHE A 409 0.30 -5.24 -20.14
CA PHE A 409 -0.42 -3.98 -20.26
C PHE A 409 0.50 -2.94 -20.93
N ASP A 410 -0.09 -1.82 -21.27
CA ASP A 410 0.59 -0.68 -21.86
C ASP A 410 0.75 0.36 -20.77
N VAL A 411 -0.34 0.99 -20.37
CA VAL A 411 -0.37 1.99 -19.31
C VAL A 411 -1.47 1.57 -18.32
N ALA A 412 -1.18 1.69 -17.04
CA ALA A 412 -2.21 1.36 -16.06
C ALA A 412 -2.37 2.45 -15.02
N ARG A 413 -3.60 2.72 -14.62
CA ARG A 413 -3.88 3.60 -13.51
C ARG A 413 -3.19 2.94 -12.33
N ALA A 414 -2.63 3.71 -11.40
CA ALA A 414 -1.92 3.14 -10.26
C ALA A 414 -1.88 4.10 -9.08
N GLY A 415 -1.60 3.51 -7.94
CA GLY A 415 -1.47 4.23 -6.67
C GLY A 415 -0.51 3.43 -5.79
N TRP A 416 0.40 4.14 -5.13
CA TRP A 416 1.25 3.47 -4.15
C TRP A 416 1.14 4.22 -2.83
N CYS A 417 0.83 3.46 -1.76
CA CYS A 417 0.79 4.05 -0.43
C CYS A 417 1.98 3.54 0.39
N ALA A 418 2.61 4.36 1.19
CA ALA A 418 3.80 3.98 1.96
C ALA A 418 3.48 2.82 2.92
N ASP A 419 4.48 1.96 3.09
CA ASP A 419 4.35 0.85 4.03
C ASP A 419 5.04 1.25 5.34
N TYR A 420 6.01 2.13 5.27
CA TYR A 420 6.67 2.74 6.42
C TYR A 420 6.98 4.19 6.04
N ASN A 421 6.97 5.13 6.98
CA ASN A 421 7.13 6.53 6.59
C ASN A 421 8.60 6.91 6.42
N GLU A 422 9.12 6.71 5.21
CA GLU A 422 10.54 6.97 4.84
C GLU A 422 10.56 6.84 3.34
N PRO A 423 11.30 7.64 2.59
CA PRO A 423 11.24 7.66 1.16
C PRO A 423 11.57 6.33 0.48
N THR A 424 12.38 5.51 1.09
CA THR A 424 12.67 4.22 0.44
C THR A 424 11.45 3.33 0.37
N SER A 425 10.44 3.56 1.20
CA SER A 425 9.18 2.78 1.07
C SER A 425 8.55 2.96 -0.30
N PHE A 426 8.81 4.10 -0.93
CA PHE A 426 8.40 4.31 -2.32
C PHE A 426 9.53 3.91 -3.27
N LEU A 427 10.71 4.56 -3.03
CA LEU A 427 11.80 4.38 -3.98
C LEU A 427 12.29 2.94 -4.22
N ASN A 428 12.23 2.08 -3.21
CA ASN A 428 12.69 0.70 -3.35
C ASN A 428 11.84 -0.13 -4.31
N THR A 429 10.62 0.31 -4.61
CA THR A 429 9.77 -0.36 -5.58
C THR A 429 10.20 -0.14 -7.02
N MET A 430 11.10 0.81 -7.26
CA MET A 430 11.57 1.08 -8.60
C MET A 430 12.98 0.48 -8.82
N LEU A 431 13.50 -0.25 -7.85
CA LEU A 431 14.79 -0.93 -8.04
C LEU A 431 14.63 -1.98 -9.13
N SER A 432 15.64 -2.20 -9.98
CA SER A 432 15.49 -3.17 -11.08
C SER A 432 14.90 -4.51 -10.70
N ASP A 433 15.36 -5.05 -9.58
CA ASP A 433 14.96 -6.35 -9.09
C ASP A 433 13.86 -6.36 -8.03
N SER A 434 13.17 -5.24 -7.82
CA SER A 434 12.10 -5.27 -6.83
C SER A 434 10.93 -6.14 -7.25
N SER A 435 10.43 -6.97 -6.32
CA SER A 435 9.19 -7.72 -6.57
C SER A 435 7.99 -6.79 -6.72
N ASN A 436 8.04 -5.53 -6.29
CA ASN A 436 6.97 -4.55 -6.42
C ASN A 436 7.14 -3.66 -7.66
N ASN A 437 8.12 -3.97 -8.51
CA ASN A 437 8.33 -3.15 -9.71
C ASN A 437 7.44 -3.59 -10.87
N THR A 438 6.20 -3.07 -10.85
CA THR A 438 5.23 -3.31 -11.90
C THR A 438 5.42 -2.32 -13.04
N ALA A 439 6.27 -1.29 -12.84
CA ALA A 439 6.58 -0.36 -13.93
C ALA A 439 7.54 -1.04 -14.90
N HIS A 440 8.19 -2.09 -14.41
CA HIS A 440 9.18 -2.86 -15.16
C HIS A 440 10.29 -1.90 -15.57
N TYR A 441 10.66 -1.01 -14.65
CA TYR A 441 11.68 0.00 -14.84
C TYR A 441 13.00 -0.53 -14.27
N LYS A 442 14.04 -0.43 -15.08
CA LYS A 442 15.36 -0.95 -14.68
C LYS A 442 16.43 0.07 -15.04
N SER A 443 16.87 0.83 -14.04
CA SER A 443 17.90 1.84 -14.26
C SER A 443 19.07 1.61 -13.31
N PRO A 444 20.21 1.21 -13.88
CA PRO A 444 21.43 1.04 -13.10
C PRO A 444 21.78 2.30 -12.32
N ALA A 445 21.58 3.50 -12.85
CA ALA A 445 21.87 4.75 -12.19
C ALA A 445 20.94 4.94 -10.97
N PHE A 446 19.65 4.68 -11.17
CA PHE A 446 18.68 4.77 -10.08
C PHE A 446 19.06 3.78 -9.00
N ASP A 447 19.31 2.51 -9.36
CA ASP A 447 19.71 1.52 -8.37
C ASP A 447 20.91 1.97 -7.55
N LYS A 448 21.91 2.56 -8.21
CA LYS A 448 23.13 2.96 -7.48
C LYS A 448 22.83 4.06 -6.46
N LEU A 449 22.01 5.04 -6.88
CA LEU A 449 21.63 6.12 -5.99
C LEU A 449 21.00 5.56 -4.72
N ILE A 450 20.10 4.57 -4.82
CA ILE A 450 19.46 4.02 -3.62
C ILE A 450 20.40 3.16 -2.81
N ALA A 451 21.28 2.39 -3.44
CA ALA A 451 22.29 1.60 -2.78
C ALA A 451 23.18 2.47 -1.88
N ASP A 452 23.49 3.67 -2.37
CA ASP A 452 24.31 4.65 -1.70
C ASP A 452 23.62 5.30 -0.51
N THR A 453 22.31 5.26 -0.37
CA THR A 453 21.66 5.88 0.77
C THR A 453 22.04 5.23 2.09
N LEU A 454 22.44 3.95 2.10
CA LEU A 454 22.81 3.30 3.33
C LEU A 454 24.35 3.19 3.43
N LYS A 455 25.05 3.92 2.57
CA LYS A 455 26.50 3.94 2.57
C LYS A 455 27.02 5.22 3.21
N VAL A 456 26.09 6.10 3.55
CA VAL A 456 26.33 7.36 4.25
C VAL A 456 25.71 7.17 5.63
N ALA A 457 26.04 7.95 6.65
CA ALA A 457 25.45 7.76 7.97
C ALA A 457 24.89 9.10 8.45
N ASP A 458 24.41 9.86 7.49
CA ASP A 458 23.84 11.18 7.71
C ASP A 458 22.51 11.30 6.98
N ASP A 459 21.53 11.90 7.66
CA ASP A 459 20.20 12.09 7.09
C ASP A 459 20.17 13.17 6.02
N THR A 460 21.07 14.15 6.01
CA THR A 460 21.12 15.15 4.96
C THR A 460 21.64 14.53 3.67
N GLN A 461 22.71 13.74 3.78
CA GLN A 461 23.22 13.09 2.58
C GLN A 461 22.19 12.08 2.07
N ARG A 462 21.59 11.34 3.00
CA ARG A 462 20.56 10.38 2.59
C ARG A 462 19.42 11.09 1.87
N SER A 463 18.91 12.18 2.44
CA SER A 463 17.83 12.96 1.83
C SER A 463 18.21 13.52 0.47
N GLU A 464 19.47 13.96 0.30
CA GLU A 464 19.89 14.52 -0.99
C GLU A 464 19.91 13.43 -2.07
N LEU A 465 20.32 12.23 -1.68
CA LEU A 465 20.32 11.06 -2.56
C LEU A 465 18.87 10.65 -2.92
N TYR A 466 17.96 10.71 -1.94
CA TYR A 466 16.56 10.46 -2.32
C TYR A 466 16.05 11.44 -3.36
N ALA A 467 16.37 12.75 -3.21
CA ALA A 467 15.99 13.74 -4.20
C ALA A 467 16.63 13.42 -5.54
N LYS A 468 17.90 12.99 -5.54
CA LYS A 468 18.55 12.65 -6.81
C LYS A 468 17.88 11.43 -7.46
N ALA A 469 17.45 10.47 -6.66
CA ALA A 469 16.79 9.26 -7.20
C ALA A 469 15.48 9.64 -7.84
N GLU A 470 14.73 10.59 -7.22
CA GLU A 470 13.48 11.05 -7.80
C GLU A 470 13.80 11.82 -9.09
N GLN A 471 14.88 12.64 -9.06
CA GLN A 471 15.18 13.33 -10.34
C GLN A 471 15.52 12.31 -11.43
N GLN A 472 16.20 11.23 -11.14
CA GLN A 472 16.55 10.19 -12.07
C GLN A 472 15.26 9.52 -12.62
N LEU A 473 14.29 9.29 -11.75
CA LEU A 473 13.03 8.67 -12.18
C LEU A 473 12.28 9.59 -13.10
N ASP A 474 12.28 10.90 -12.80
CA ASP A 474 11.65 11.94 -13.57
C ASP A 474 12.35 12.11 -14.93
N LYS A 475 13.67 12.10 -14.94
CA LYS A 475 14.36 12.29 -16.24
C LYS A 475 14.07 11.11 -17.16
N ASP A 476 13.91 9.92 -16.61
CA ASP A 476 13.53 8.75 -17.38
C ASP A 476 12.04 8.63 -17.66
N SER A 477 11.23 9.48 -17.04
CA SER A 477 9.79 9.44 -17.14
C SER A 477 9.32 8.00 -16.94
N ALA A 478 9.73 7.39 -15.82
CA ALA A 478 9.26 6.02 -15.55
C ALA A 478 7.75 5.97 -15.40
N ILE A 479 7.16 7.00 -14.78
CA ILE A 479 5.73 7.05 -14.55
C ILE A 479 5.17 8.43 -14.91
N VAL A 480 3.84 8.54 -14.82
CA VAL A 480 3.19 9.83 -14.97
C VAL A 480 2.58 10.17 -13.61
N PRO A 481 3.18 10.99 -12.80
CA PRO A 481 2.58 11.39 -11.52
C PRO A 481 1.31 12.15 -11.78
N VAL A 482 0.24 11.94 -10.97
CA VAL A 482 -0.97 12.72 -11.21
C VAL A 482 -1.28 13.63 -10.03
N TYR A 483 -1.46 12.98 -8.84
CA TYR A 483 -1.76 13.80 -7.66
C TYR A 483 -1.34 13.06 -6.39
N TYR A 484 -1.14 13.78 -5.29
CA TYR A 484 -0.91 13.14 -4.01
C TYR A 484 -2.28 13.00 -3.36
N TYR A 485 -2.58 11.78 -2.89
CA TYR A 485 -3.89 11.54 -2.33
C TYR A 485 -4.07 12.25 -0.98
N VAL A 486 -5.37 12.43 -0.69
CA VAL A 486 -5.77 12.75 0.68
C VAL A 486 -6.61 11.54 1.12
N ASN A 487 -6.67 11.30 2.41
CA ASN A 487 -7.43 10.16 2.90
C ASN A 487 -8.84 10.67 3.24
N ALA A 488 -9.73 10.53 2.29
CA ALA A 488 -11.11 10.99 2.43
C ALA A 488 -12.09 9.83 2.52
N ARG A 489 -12.88 9.76 3.59
CA ARG A 489 -13.84 8.69 3.73
C ARG A 489 -14.96 9.19 4.65
N LEU A 490 -16.07 8.47 4.64
CA LEU A 490 -17.16 8.85 5.53
C LEU A 490 -17.11 7.96 6.76
N VAL A 491 -17.30 8.53 7.92
CA VAL A 491 -17.26 7.78 9.18
C VAL A 491 -18.45 8.20 10.04
N LYS A 492 -19.30 7.24 10.41
CA LYS A 492 -20.51 7.60 11.17
C LYS A 492 -20.08 8.25 12.47
N PRO A 493 -20.91 9.18 12.98
CA PRO A 493 -20.62 9.89 14.21
C PRO A 493 -20.40 8.98 15.41
N TRP A 494 -20.97 7.77 15.43
CA TRP A 494 -20.84 6.82 16.52
C TRP A 494 -19.62 5.92 16.46
N VAL A 495 -18.83 6.05 15.41
CA VAL A 495 -17.57 5.27 15.38
C VAL A 495 -16.46 6.06 16.06
N GLY A 496 -16.00 5.59 17.20
CA GLY A 496 -14.95 6.25 17.95
C GLY A 496 -13.60 5.55 17.67
N GLY A 497 -12.53 6.30 17.87
CA GLY A 497 -11.19 5.70 17.74
C GLY A 497 -10.49 6.00 16.42
N TYR A 498 -11.21 6.54 15.44
CA TYR A 498 -10.59 6.83 14.14
C TYR A 498 -10.12 8.29 14.15
N THR A 499 -8.83 8.48 14.41
CA THR A 499 -8.27 9.82 14.59
C THR A 499 -8.03 10.52 13.26
N GLY A 500 -7.62 9.74 12.28
CA GLY A 500 -7.19 10.25 10.98
C GLY A 500 -5.75 10.77 11.09
N LYS A 501 -5.06 10.58 12.22
CA LYS A 501 -3.73 11.12 12.41
C LYS A 501 -2.62 10.30 11.76
N ASP A 502 -2.90 9.04 11.47
CA ASP A 502 -1.89 8.19 10.85
C ASP A 502 -1.90 8.38 9.33
N PRO A 503 -0.85 8.92 8.77
CA PRO A 503 -0.76 9.19 7.34
C PRO A 503 -0.58 7.92 6.52
N LEU A 504 -0.32 6.77 7.13
CA LEU A 504 -0.33 5.50 6.44
C LEU A 504 -1.71 4.81 6.53
N ASP A 505 -2.63 5.36 7.34
CA ASP A 505 -3.98 4.79 7.46
C ASP A 505 -3.95 3.30 7.88
N ASN A 506 -3.09 2.96 8.82
CA ASN A 506 -2.97 1.58 9.30
C ASN A 506 -3.97 1.38 10.43
N ILE A 507 -5.25 1.29 10.07
CA ILE A 507 -6.30 1.13 11.08
C ILE A 507 -6.35 -0.28 11.63
N TYR A 508 -6.62 -0.41 12.91
CA TYR A 508 -6.81 -1.69 13.56
C TYR A 508 -8.22 -1.62 14.18
N VAL A 509 -9.11 -2.55 13.86
CA VAL A 509 -10.47 -2.52 14.43
C VAL A 509 -10.44 -2.72 15.94
N LYS A 510 -9.41 -3.34 16.51
CA LYS A 510 -9.26 -3.41 17.98
C LYS A 510 -9.16 -2.04 18.64
N ASN A 511 -8.84 -0.96 17.91
CA ASN A 511 -8.75 0.39 18.47
C ASN A 511 -10.05 1.17 18.37
N LEU A 512 -11.09 0.67 17.71
CA LEU A 512 -12.32 1.45 17.53
C LEU A 512 -13.40 1.02 18.53
N TYR A 513 -14.47 1.78 18.61
CA TYR A 513 -15.55 1.48 19.54
C TYR A 513 -16.82 2.16 19.04
N ILE A 514 -17.99 1.59 19.36
CA ILE A 514 -19.28 2.17 18.94
C ILE A 514 -19.93 2.92 20.12
N ILE A 515 -20.20 4.18 19.89
CA ILE A 515 -20.77 5.07 20.90
C ILE A 515 -22.28 4.89 20.84
N LYS A 516 -22.96 4.91 22.00
CA LYS A 516 -24.42 4.78 21.99
C LYS A 516 -25.11 5.80 21.10
N HIS A 517 -26.07 5.39 20.29
CA HIS A 517 -26.77 6.26 19.37
C HIS A 517 -28.14 5.68 19.01
N LYS B 1 2.35 -0.32 -0.46
CA LYS B 1 1.25 -1.22 -0.93
C LYS B 1 0.48 -0.57 -2.05
N PRO B 2 0.12 -1.29 -3.10
CA PRO B 2 -0.75 -0.74 -4.14
C PRO B 2 -2.13 -0.36 -3.61
N LYS B 3 -2.67 0.74 -4.13
CA LYS B 3 -3.98 1.23 -3.79
C LYS B 3 -4.79 1.52 -5.07
#